data_9ONH
#
_entry.id   9ONH
#
_cell.length_a   156.034
_cell.length_b   156.034
_cell.length_c   156.034
_cell.angle_alpha   90.000
_cell.angle_beta   90.000
_cell.angle_gamma   90.000
#
_symmetry.space_group_name_H-M   'I 21 3'
#
loop_
_entity.id
_entity.type
_entity.pdbx_description
1 polymer 'Ancestral Cytochrome P450 11A1 (CYP11A1)'
2 non-polymer 'PROTOPORPHYRIN IX CONTAINING FE'
3 non-polymer desmosterol
#
_entity_poly.entity_id   1
_entity_poly.type   'polypeptide(L)'
_entity_poly.pdbx_seq_one_letter_code
;MASGSAVRPFDEIPGNWRNGWLNLYRFWRSNGFRNLHHIMVKNFNKFGPIYREKIGYYESVNIINPEDAATLFKAEGLFP
RRLRVEPWVAYRDYRNQKYGVLLKNGEDWRSNRLILNKEVISPNVIQKFVPLLNEVAQDFVSMVHKQIERSGRGKWTVDL
SNDLFRFALESVCYVLYGERLGLLQDNPNPESQRFIDSVTLMFKTTSPMLYIPPGLLRRINSKIWRDHVEAWDVIFNHAD
KCIQKIYRQFRLGQKNENEYPGVLANLLLQGKLPIEDIKASITELMAGGVDTTSMTLLWTLYELARNPHVQEELRAEILA
ARQQAQGDLSKMLKSVPLLKAAIKETLRLYPVAVSLQRYITEDIVLQNYHIPAGTLVQVGLYAMGRNPEIFPNPEQYNPE
RWLKREDNHFKSLGFGFGPRQCIGRRIAETEMQLFLIHMLQNFKIETNSMAEVKTTFDLILVPEKPILLTLRPINSSPHH
HHHH
;
_entity_poly.pdbx_strand_id   A
#
loop_
_chem_comp.id
_chem_comp.type
_chem_comp.name
_chem_comp.formula
HEM non-polymer 'PROTOPORPHYRIN IX CONTAINING FE' 'C34 H32 Fe N4 O4'
MHQ non-polymer desmosterol 'C27 H44 O'
#
# COMPACT_ATOMS: atom_id res chain seq x y z
N VAL A 7 29.15 -13.24 -20.83
CA VAL A 7 28.49 -12.39 -19.84
C VAL A 7 29.50 -11.89 -18.80
N ARG A 8 29.19 -10.75 -18.20
CA ARG A 8 30.04 -10.16 -17.17
C ARG A 8 29.82 -10.89 -15.83
N PRO A 9 30.88 -11.12 -15.07
CA PRO A 9 30.72 -11.83 -13.79
C PRO A 9 29.92 -11.03 -12.80
N PHE A 10 29.52 -11.69 -11.70
CA PHE A 10 28.74 -10.99 -10.65
C PHE A 10 29.64 -9.99 -9.96
N ASP A 11 30.91 -10.36 -9.80
CA ASP A 11 31.83 -9.48 -9.09
C ASP A 11 32.26 -8.27 -9.91
N GLU A 12 31.60 -8.01 -11.04
CA GLU A 12 31.87 -6.83 -11.85
C GLU A 12 30.69 -5.85 -11.89
N ILE A 13 29.57 -6.19 -11.26
CA ILE A 13 28.43 -5.28 -11.26
C ILE A 13 28.81 -4.00 -10.53
N PRO A 14 28.50 -2.82 -11.05
CA PRO A 14 28.82 -1.58 -10.33
C PRO A 14 28.06 -1.49 -9.01
N GLY A 15 28.52 -0.58 -8.16
CA GLY A 15 27.89 -0.35 -6.88
C GLY A 15 28.85 -0.06 -5.76
N ASN A 16 28.43 -0.37 -4.52
CA ASN A 16 29.24 -0.11 -3.34
C ASN A 16 29.40 -1.36 -2.46
N TRP A 17 29.20 -2.54 -3.04
CA TRP A 17 29.21 -3.77 -2.27
C TRP A 17 30.56 -4.09 -1.65
N ARG A 18 31.60 -3.31 -1.95
CA ARG A 18 32.94 -3.60 -1.46
C ARG A 18 33.27 -2.92 -0.15
N ASN A 19 32.43 -1.97 0.30
CA ASN A 19 32.62 -1.26 1.56
C ASN A 19 31.35 -1.33 2.40
N GLY A 20 30.72 -2.50 2.43
CA GLY A 20 29.43 -2.62 3.09
C GLY A 20 29.41 -2.12 4.52
N TRP A 21 30.52 -2.30 5.25
CA TRP A 21 30.56 -1.84 6.63
C TRP A 21 30.71 -0.32 6.71
N LEU A 22 31.43 0.28 5.77
CA LEU A 22 31.45 1.75 5.69
C LEU A 22 30.10 2.28 5.26
N ASN A 23 29.38 1.54 4.41
CA ASN A 23 28.05 1.97 3.99
C ASN A 23 27.06 1.91 5.15
N LEU A 24 27.20 0.91 6.03
CA LEU A 24 26.36 0.85 7.21
C LEU A 24 26.59 2.06 8.11
N TYR A 25 27.84 2.51 8.22
CA TYR A 25 28.14 3.70 8.99
C TYR A 25 27.49 4.94 8.37
N ARG A 26 27.61 5.09 7.05
CA ARG A 26 27.01 6.24 6.37
C ARG A 26 25.49 6.22 6.44
N PHE A 27 24.88 5.04 6.61
CA PHE A 27 23.42 4.95 6.66
C PHE A 27 22.88 5.43 8.01
N TRP A 28 23.57 5.13 9.10
CA TRP A 28 23.11 5.46 10.44
C TRP A 28 23.72 6.73 11.02
N ARG A 29 24.79 7.25 10.43
CA ARG A 29 25.42 8.44 11.00
C ARG A 29 24.50 9.64 10.96
N SER A 30 23.64 9.74 9.94
CA SER A 30 22.70 10.84 9.83
C SER A 30 21.64 10.48 8.80
N ASN A 31 20.38 10.82 9.10
CA ASN A 31 19.27 10.50 8.22
C ASN A 31 19.32 9.04 7.78
N GLY A 32 19.44 8.79 6.48
CA GLY A 32 19.54 7.44 5.98
C GLY A 32 18.22 6.70 6.00
N PHE A 33 17.72 6.37 7.19
CA PHE A 33 16.43 5.69 7.29
C PHE A 33 15.27 6.58 6.89
N ARG A 34 15.53 7.84 6.52
CA ARG A 34 14.50 8.77 6.06
C ARG A 34 14.61 9.09 4.58
N ASN A 35 15.69 8.70 3.90
CA ASN A 35 15.94 9.10 2.52
C ASN A 35 16.40 7.92 1.69
N LEU A 36 15.85 6.73 1.95
CA LEU A 36 16.20 5.57 1.15
C LEU A 36 15.71 5.71 -0.29
N HIS A 37 14.63 6.46 -0.51
CA HIS A 37 14.13 6.65 -1.87
C HIS A 37 15.02 7.60 -2.65
N HIS A 38 15.54 8.65 -2.00
CA HIS A 38 16.49 9.54 -2.65
C HIS A 38 17.82 8.84 -2.89
N ILE A 39 18.22 7.97 -1.97
CA ILE A 39 19.51 7.25 -2.10
C ILE A 39 19.47 6.39 -3.38
N MET A 40 18.37 5.68 -3.60
CA MET A 40 18.27 4.77 -4.77
C MET A 40 18.44 5.59 -6.06
N VAL A 41 17.69 6.67 -6.18
CA VAL A 41 17.77 7.51 -7.40
C VAL A 41 19.25 7.83 -7.66
N LYS A 42 19.96 8.31 -6.65
CA LYS A 42 21.38 8.72 -6.83
C LYS A 42 22.19 7.52 -7.31
N ASN A 43 21.98 6.36 -6.70
CA ASN A 43 22.74 5.15 -7.07
C ASN A 43 22.51 4.84 -8.55
N PHE A 44 21.26 4.86 -9.00
CA PHE A 44 20.97 4.57 -10.40
C PHE A 44 21.56 5.63 -11.32
N ASN A 45 21.53 6.90 -10.89
CA ASN A 45 22.14 7.98 -11.66
C ASN A 45 23.64 8.01 -11.54
N LYS A 46 24.24 7.03 -10.86
CA LYS A 46 25.68 6.93 -10.70
C LYS A 46 26.26 5.61 -11.18
N PHE A 47 25.52 4.51 -11.06
CA PHE A 47 26.01 3.20 -11.47
C PHE A 47 25.32 2.64 -12.70
N GLY A 48 24.27 3.29 -13.20
CA GLY A 48 23.60 2.86 -14.40
C GLY A 48 22.28 2.17 -14.14
N PRO A 49 21.83 1.37 -15.11
CA PRO A 49 20.53 0.68 -14.98
C PRO A 49 20.55 -0.49 -14.01
N ILE A 50 21.69 -0.84 -13.44
CA ILE A 50 21.77 -1.93 -12.46
C ILE A 50 22.97 -1.70 -11.55
N TYR A 51 22.75 -1.80 -10.25
CA TYR A 51 23.84 -1.70 -9.29
C TYR A 51 23.66 -2.75 -8.20
N ARG A 52 24.80 -3.10 -7.60
CA ARG A 52 24.81 -4.08 -6.50
C ARG A 52 25.21 -3.33 -5.23
N GLU A 53 24.45 -3.50 -4.17
CA GLU A 53 24.68 -2.80 -2.93
C GLU A 53 24.79 -3.79 -1.77
N LYS A 54 25.66 -3.45 -0.81
CA LYS A 54 25.79 -4.20 0.43
C LYS A 54 25.93 -3.20 1.58
N ILE A 55 25.10 -3.37 2.60
CA ILE A 55 25.10 -2.52 3.78
C ILE A 55 24.98 -3.44 4.99
N GLY A 56 26.13 -3.74 5.62
CA GLY A 56 26.13 -4.73 6.68
C GLY A 56 25.98 -6.12 6.10
N TYR A 57 25.15 -6.93 6.77
CA TYR A 57 24.83 -8.25 6.27
C TYR A 57 23.79 -8.23 5.16
N TYR A 58 23.40 -7.05 4.69
CA TYR A 58 22.38 -6.90 3.65
C TYR A 58 23.05 -6.63 2.31
N GLU A 59 22.68 -7.40 1.29
CA GLU A 59 23.21 -7.25 -0.05
C GLU A 59 22.10 -7.53 -1.05
N SER A 60 22.18 -6.88 -2.22
CA SER A 60 21.11 -7.04 -3.19
C SER A 60 21.54 -6.44 -4.53
N VAL A 61 20.84 -6.86 -5.58
CA VAL A 61 21.03 -6.35 -6.93
C VAL A 61 19.77 -5.56 -7.31
N ASN A 62 19.97 -4.37 -7.87
CA ASN A 62 18.86 -3.46 -8.16
C ASN A 62 18.81 -3.14 -9.65
N ILE A 63 17.59 -3.00 -10.17
CA ILE A 63 17.36 -2.70 -11.57
C ILE A 63 16.25 -1.66 -11.66
N ILE A 64 16.15 -1.01 -12.83
CA ILE A 64 15.21 0.09 -13.00
C ILE A 64 14.42 -0.04 -14.30
N ASN A 65 15.01 -0.70 -15.29
CA ASN A 65 14.33 -0.82 -16.58
C ASN A 65 13.18 -1.80 -16.50
N PRO A 66 11.99 -1.46 -17.01
CA PRO A 66 10.88 -2.43 -16.98
C PRO A 66 11.21 -3.74 -17.67
N GLU A 67 12.11 -3.72 -18.66
CA GLU A 67 12.52 -4.96 -19.32
C GLU A 67 13.21 -5.90 -18.33
N ASP A 68 14.09 -5.36 -17.48
CA ASP A 68 14.79 -6.19 -16.52
C ASP A 68 13.83 -6.76 -15.47
N ALA A 69 12.77 -6.01 -15.12
CA ALA A 69 11.76 -6.56 -14.22
C ALA A 69 11.09 -7.78 -14.84
N ALA A 70 11.06 -7.87 -16.17
CA ALA A 70 10.53 -9.05 -16.84
C ALA A 70 11.34 -10.28 -16.49
N THR A 71 12.65 -10.24 -16.76
CA THR A 71 13.52 -11.36 -16.45
C THR A 71 13.48 -11.70 -14.97
N LEU A 72 13.25 -10.71 -14.11
CA LEU A 72 13.22 -10.95 -12.67
C LEU A 72 11.99 -11.77 -12.27
N PHE A 73 10.80 -11.31 -12.66
CA PHE A 73 9.57 -12.00 -12.29
C PHE A 73 9.43 -13.36 -12.96
N LYS A 74 10.23 -13.65 -13.99
CA LYS A 74 10.21 -14.95 -14.64
C LYS A 74 11.00 -16.01 -13.90
N ALA A 75 11.84 -15.61 -12.94
CA ALA A 75 12.68 -16.54 -12.20
C ALA A 75 12.40 -16.51 -10.70
N GLU A 76 11.24 -15.97 -10.29
CA GLU A 76 10.92 -15.89 -8.87
C GLU A 76 10.59 -17.25 -8.28
N GLY A 77 10.27 -18.23 -9.11
CA GLY A 77 9.92 -19.55 -8.63
C GLY A 77 8.43 -19.70 -8.36
N LEU A 78 8.04 -20.94 -8.04
CA LEU A 78 6.65 -21.21 -7.74
C LEU A 78 6.21 -20.63 -6.40
N PHE A 79 7.15 -20.36 -5.50
CA PHE A 79 6.88 -19.75 -4.20
C PHE A 79 7.75 -18.51 -4.08
N PRO A 80 7.37 -17.41 -4.71
CA PRO A 80 8.18 -16.19 -4.63
C PRO A 80 8.33 -15.71 -3.20
N ARG A 81 9.51 -15.18 -2.90
CA ARG A 81 9.81 -14.71 -1.52
C ARG A 81 10.30 -13.26 -1.58
N ARG A 82 9.65 -12.36 -0.85
CA ARG A 82 10.12 -10.97 -0.78
C ARG A 82 10.98 -10.84 0.46
N LEU A 83 11.28 -9.62 0.88
CA LEU A 83 12.00 -9.47 2.16
C LEU A 83 10.97 -9.79 3.24
N ARG A 84 11.37 -9.83 4.51
CA ARG A 84 10.37 -10.06 5.54
C ARG A 84 10.24 -8.85 6.45
N VAL A 85 9.08 -8.76 7.10
CA VAL A 85 8.79 -7.68 8.06
C VAL A 85 9.20 -8.22 9.42
N GLU A 86 10.45 -7.98 9.80
CA GLU A 86 10.98 -8.46 11.06
C GLU A 86 10.06 -8.19 12.25
N PRO A 87 9.60 -6.96 12.49
CA PRO A 87 8.72 -6.72 13.64
C PRO A 87 7.46 -7.57 13.61
N TRP A 88 6.82 -7.72 12.45
CA TRP A 88 5.58 -8.47 12.38
C TRP A 88 5.81 -9.95 12.60
N VAL A 89 6.92 -10.50 12.09
CA VAL A 89 7.22 -11.91 12.31
C VAL A 89 7.60 -12.16 13.77
N ALA A 90 8.33 -11.23 14.38
CA ALA A 90 8.75 -11.41 15.77
C ALA A 90 7.54 -11.54 16.69
N TYR A 91 6.47 -10.81 16.40
CA TYR A 91 5.29 -10.88 17.26
C TYR A 91 4.62 -12.25 17.20
N ARG A 92 4.52 -12.83 16.00
CA ARG A 92 3.89 -14.13 15.87
C ARG A 92 4.69 -15.21 16.59
N ASP A 93 6.01 -15.13 16.53
CA ASP A 93 6.85 -16.10 17.26
C ASP A 93 6.70 -15.91 18.77
N TYR A 94 6.55 -14.66 19.23
CA TYR A 94 6.48 -14.42 20.69
C TYR A 94 5.14 -14.90 21.22
N ARG A 95 4.07 -14.68 20.46
CA ARG A 95 2.74 -15.07 20.90
C ARG A 95 2.33 -16.44 20.38
N ASN A 96 3.24 -17.15 19.72
CA ASN A 96 2.96 -18.47 19.17
C ASN A 96 1.75 -18.45 18.26
N GLN A 97 1.66 -17.39 17.45
CA GLN A 97 0.59 -17.24 16.47
C GLN A 97 1.03 -17.78 15.11
N LYS A 98 0.06 -18.12 14.29
CA LYS A 98 0.35 -18.61 12.95
C LYS A 98 0.70 -17.46 12.02
N TYR A 99 1.42 -17.79 10.95
CA TYR A 99 1.73 -16.81 9.92
C TYR A 99 0.57 -16.71 8.94
N GLY A 100 0.30 -15.48 8.49
CA GLY A 100 -0.73 -15.24 7.49
C GLY A 100 -0.21 -15.41 6.09
N VAL A 101 -1.01 -14.94 5.13
CA VAL A 101 -0.63 -15.06 3.72
C VAL A 101 0.60 -14.21 3.38
N LEU A 102 0.86 -13.17 4.16
CA LEU A 102 2.01 -12.30 3.89
C LEU A 102 3.30 -12.81 4.50
N LEU A 103 3.23 -13.49 5.65
CA LEU A 103 4.44 -13.98 6.31
C LEU A 103 4.84 -15.37 5.87
N LYS A 104 3.90 -16.17 5.35
CA LYS A 104 4.21 -17.53 4.93
C LYS A 104 5.12 -17.52 3.69
N ASN A 105 5.72 -18.68 3.43
CA ASN A 105 6.53 -18.89 2.24
C ASN A 105 6.42 -20.34 1.82
N GLY A 106 6.85 -20.62 0.59
CA GLY A 106 6.83 -21.98 0.09
C GLY A 106 5.42 -22.51 -0.13
N GLU A 107 5.26 -23.80 0.15
CA GLU A 107 3.99 -24.48 -0.12
C GLU A 107 2.86 -23.86 0.69
N ASP A 108 3.14 -23.44 1.93
CA ASP A 108 2.08 -22.96 2.81
C ASP A 108 1.46 -21.67 2.27
N TRP A 109 2.28 -20.77 1.72
CA TRP A 109 1.75 -19.56 1.10
C TRP A 109 0.88 -19.92 -0.11
N ARG A 110 1.44 -20.73 -1.01
CA ARG A 110 0.68 -21.13 -2.22
C ARG A 110 -0.65 -21.76 -1.75
N SER A 111 -0.57 -22.73 -0.84
CA SER A 111 -1.77 -23.40 -0.36
C SER A 111 -2.81 -22.39 0.15
N ASN A 112 -2.32 -21.41 0.88
CA ASN A 112 -3.24 -20.35 1.38
C ASN A 112 -3.62 -19.45 0.21
N ARG A 113 -2.72 -18.58 -0.23
CA ARG A 113 -3.00 -17.63 -1.34
C ARG A 113 -4.19 -18.11 -2.19
N LEU A 114 -4.11 -19.33 -2.74
CA LEU A 114 -5.17 -19.84 -3.65
C LEU A 114 -6.55 -19.77 -2.96
N ILE A 115 -6.65 -20.24 -1.73
CA ILE A 115 -7.94 -20.14 -0.97
C ILE A 115 -8.28 -18.66 -0.79
N LEU A 116 -7.32 -17.85 -0.33
CA LEU A 116 -7.63 -16.44 -0.08
C LEU A 116 -8.06 -15.73 -1.35
N ASN A 117 -7.50 -16.11 -2.50
CA ASN A 117 -7.81 -15.39 -3.75
C ASN A 117 -9.27 -15.52 -4.13
N LYS A 118 -9.90 -16.66 -3.85
CA LYS A 118 -11.30 -16.84 -4.21
C LYS A 118 -12.21 -15.87 -3.46
N GLU A 119 -11.81 -15.43 -2.27
CA GLU A 119 -12.67 -14.62 -1.41
C GLU A 119 -12.15 -13.20 -1.24
N VAL A 120 -11.13 -12.80 -1.99
CA VAL A 120 -10.52 -11.48 -1.81
C VAL A 120 -10.36 -10.76 -3.14
N ILE A 121 -9.86 -11.47 -4.15
CA ILE A 121 -9.48 -10.83 -5.41
C ILE A 121 -10.28 -11.31 -6.61
N SER A 122 -11.08 -12.35 -6.47
CA SER A 122 -11.83 -12.85 -7.62
C SER A 122 -12.92 -11.85 -8.02
N PRO A 123 -13.19 -11.73 -9.32
CA PRO A 123 -14.21 -10.76 -9.76
C PRO A 123 -15.59 -11.02 -9.17
N ASN A 124 -15.88 -12.26 -8.76
CA ASN A 124 -17.20 -12.56 -8.21
C ASN A 124 -17.44 -11.77 -6.92
N VAL A 125 -16.47 -11.80 -6.00
CA VAL A 125 -16.62 -11.13 -4.72
C VAL A 125 -16.32 -9.64 -4.80
N ILE A 126 -15.55 -9.19 -5.81
CA ILE A 126 -15.28 -7.77 -5.95
C ILE A 126 -16.58 -6.99 -6.14
N GLN A 127 -17.52 -7.56 -6.88
CA GLN A 127 -18.81 -6.89 -7.07
C GLN A 127 -19.65 -6.92 -5.80
N LYS A 128 -19.42 -7.91 -4.94
CA LYS A 128 -20.11 -7.94 -3.65
C LYS A 128 -19.56 -6.88 -2.70
N PHE A 129 -18.30 -6.46 -2.89
CA PHE A 129 -17.71 -5.42 -2.06
C PHE A 129 -18.14 -4.02 -2.49
N VAL A 130 -18.50 -3.84 -3.77
CA VAL A 130 -18.85 -2.51 -4.26
C VAL A 130 -19.90 -1.83 -3.39
N PRO A 131 -21.06 -2.43 -3.09
CA PRO A 131 -22.03 -1.76 -2.23
C PRO A 131 -21.49 -1.45 -0.84
N LEU A 132 -20.64 -2.33 -0.29
CA LEU A 132 -20.05 -2.06 1.02
C LEU A 132 -19.11 -0.86 0.97
N LEU A 133 -18.13 -0.90 0.06
CA LEU A 133 -17.20 0.22 -0.06
C LEU A 133 -17.93 1.53 -0.36
N ASN A 134 -18.92 1.48 -1.26
CA ASN A 134 -19.64 2.71 -1.62
C ASN A 134 -20.36 3.30 -0.42
N GLU A 135 -20.86 2.45 0.48
CA GLU A 135 -21.51 2.97 1.69
C GLU A 135 -20.54 3.82 2.50
N VAL A 136 -19.34 3.31 2.77
CA VAL A 136 -18.36 4.07 3.53
C VAL A 136 -17.98 5.34 2.78
N ALA A 137 -17.85 5.25 1.45
CA ALA A 137 -17.51 6.43 0.66
C ALA A 137 -18.61 7.49 0.76
N GLN A 138 -19.87 7.06 0.84
CA GLN A 138 -20.97 8.02 0.98
C GLN A 138 -20.94 8.68 2.36
N ASP A 139 -20.55 7.94 3.40
CA ASP A 139 -20.49 8.53 4.73
C ASP A 139 -19.34 9.53 4.85
N PHE A 140 -18.23 9.29 4.15
CA PHE A 140 -17.12 10.23 4.19
C PHE A 140 -17.52 11.59 3.60
N VAL A 141 -18.29 11.57 2.51
CA VAL A 141 -18.74 12.82 1.91
C VAL A 141 -19.68 13.56 2.87
N SER A 142 -20.51 12.82 3.61
CA SER A 142 -21.37 13.45 4.59
C SER A 142 -20.56 14.19 5.64
N MET A 143 -19.48 13.57 6.13
CA MET A 143 -18.65 14.23 7.13
C MET A 143 -18.03 15.52 6.59
N VAL A 144 -17.56 15.49 5.34
CA VAL A 144 -16.94 16.68 4.77
C VAL A 144 -17.95 17.82 4.68
N HIS A 145 -19.20 17.50 4.35
CA HIS A 145 -20.23 18.52 4.28
C HIS A 145 -20.49 19.14 5.65
N LYS A 146 -20.54 18.31 6.69
CA LYS A 146 -20.77 18.82 8.04
C LYS A 146 -19.70 19.82 8.43
N GLN A 147 -18.43 19.47 8.24
CA GLN A 147 -17.35 20.38 8.59
C GLN A 147 -17.41 21.66 7.78
N ILE A 148 -17.72 21.56 6.48
CA ILE A 148 -17.82 22.74 5.63
C ILE A 148 -18.96 23.64 6.10
N GLU A 149 -20.05 23.04 6.59
CA GLU A 149 -21.15 23.83 7.12
C GLU A 149 -20.70 24.64 8.34
N ARG A 150 -20.04 23.98 9.29
CA ARG A 150 -19.58 24.68 10.50
C ARG A 150 -18.60 25.80 10.14
N SER A 151 -17.61 25.48 9.31
CA SER A 151 -16.55 26.45 9.02
C SER A 151 -17.11 27.72 8.39
N GLY A 152 -18.21 27.63 7.67
CA GLY A 152 -18.80 28.78 7.00
C GLY A 152 -18.01 29.15 5.76
N ARG A 153 -18.59 30.10 4.99
CA ARG A 153 -17.99 30.58 3.73
C ARG A 153 -17.86 29.49 2.68
N GLY A 154 -18.37 28.30 2.95
CA GLY A 154 -18.30 27.22 1.98
C GLY A 154 -16.91 26.68 1.72
N LYS A 155 -16.08 26.61 2.75
CA LYS A 155 -14.72 26.08 2.63
C LYS A 155 -14.43 25.17 3.81
N TRP A 156 -13.37 24.37 3.66
CA TRP A 156 -12.86 23.57 4.77
C TRP A 156 -11.39 23.22 4.44
N THR A 157 -10.49 24.09 4.88
CA THR A 157 -9.07 23.82 4.75
C THR A 157 -8.62 22.95 5.92
N VAL A 158 -8.18 21.73 5.62
CA VAL A 158 -7.88 20.73 6.64
C VAL A 158 -6.79 19.81 6.12
N ASP A 159 -6.12 19.13 7.06
CA ASP A 159 -5.15 18.07 6.71
C ASP A 159 -5.90 16.75 6.85
N LEU A 160 -6.34 16.17 5.73
CA LEU A 160 -7.15 14.96 5.69
C LEU A 160 -6.36 13.70 6.02
N SER A 161 -5.13 13.85 6.50
CA SER A 161 -4.29 12.68 6.82
C SER A 161 -5.04 11.73 7.75
N ASN A 162 -5.42 12.22 8.94
CA ASN A 162 -6.10 11.36 9.91
C ASN A 162 -7.45 10.89 9.40
N ASP A 163 -8.19 11.76 8.72
CA ASP A 163 -9.51 11.38 8.23
C ASP A 163 -9.42 10.32 7.13
N LEU A 164 -8.41 10.43 6.26
CA LEU A 164 -8.23 9.42 5.22
C LEU A 164 -7.81 8.09 5.84
N PHE A 165 -6.99 8.13 6.89
CA PHE A 165 -6.63 6.90 7.59
C PHE A 165 -7.87 6.21 8.15
N ARG A 166 -8.83 6.99 8.64
CA ARG A 166 -10.06 6.41 9.16
C ARG A 166 -10.91 5.83 8.04
N PHE A 167 -10.98 6.50 6.89
CA PHE A 167 -11.69 5.94 5.74
C PHE A 167 -11.06 4.62 5.31
N ALA A 168 -9.73 4.57 5.25
CA ALA A 168 -9.05 3.34 4.87
C ALA A 168 -9.37 2.22 5.86
N LEU A 169 -9.19 2.48 7.16
CA LEU A 169 -9.46 1.45 8.15
C LEU A 169 -10.93 1.06 8.16
N GLU A 170 -11.83 2.06 8.11
CA GLU A 170 -13.25 1.77 8.11
C GLU A 170 -13.65 0.89 6.92
N SER A 171 -13.06 1.15 5.75
CA SER A 171 -13.43 0.40 4.55
C SER A 171 -12.86 -1.01 4.58
N VAL A 172 -11.56 -1.14 4.84
CA VAL A 172 -10.92 -2.47 4.84
C VAL A 172 -11.60 -3.37 5.85
N CYS A 173 -11.86 -2.85 7.06
CA CYS A 173 -12.50 -3.66 8.09
C CYS A 173 -13.96 -3.95 7.78
N TYR A 174 -14.58 -3.17 6.90
CA TYR A 174 -15.96 -3.46 6.50
C TYR A 174 -16.01 -4.71 5.62
N VAL A 175 -15.14 -4.78 4.61
CA VAL A 175 -15.14 -5.92 3.69
C VAL A 175 -14.47 -7.14 4.31
N LEU A 176 -13.64 -6.97 5.33
CA LEU A 176 -12.94 -8.09 5.94
C LEU A 176 -13.75 -8.71 7.07
N TYR A 177 -14.13 -7.92 8.08
CA TYR A 177 -14.86 -8.43 9.21
C TYR A 177 -16.37 -8.34 9.05
N GLY A 178 -16.86 -7.46 8.18
CA GLY A 178 -18.28 -7.33 7.95
C GLY A 178 -19.01 -6.42 8.91
N GLU A 179 -18.34 -5.39 9.41
CA GLU A 179 -18.96 -4.46 10.34
C GLU A 179 -18.37 -3.08 10.16
N ARG A 180 -19.17 -2.06 10.49
CA ARG A 180 -18.73 -0.68 10.42
C ARG A 180 -18.17 -0.26 11.78
N LEU A 181 -16.88 0.08 11.81
CA LEU A 181 -16.25 0.52 13.05
C LEU A 181 -16.78 1.88 13.51
N GLY A 182 -17.34 2.68 12.61
CA GLY A 182 -17.85 3.97 12.97
C GLY A 182 -16.80 5.05 13.16
N LEU A 183 -15.61 4.88 12.56
CA LEU A 183 -14.53 5.83 12.75
C LEU A 183 -14.85 7.20 12.16
N LEU A 184 -15.77 7.27 11.20
CA LEU A 184 -16.08 8.52 10.51
C LEU A 184 -17.13 9.36 11.23
N GLN A 185 -17.62 8.90 12.37
CA GLN A 185 -18.55 9.71 13.16
C GLN A 185 -17.80 10.86 13.84
N ASP A 186 -18.58 11.75 14.48
CA ASP A 186 -17.97 12.82 15.26
C ASP A 186 -17.49 12.31 16.62
N ASN A 187 -18.19 11.33 17.19
CA ASN A 187 -17.81 10.72 18.46
C ASN A 187 -17.90 9.21 18.30
N PRO A 188 -16.85 8.57 17.79
CA PRO A 188 -16.87 7.11 17.65
C PRO A 188 -16.87 6.44 19.01
N ASN A 189 -17.43 5.23 19.05
CA ASN A 189 -17.48 4.48 20.29
C ASN A 189 -16.06 4.14 20.75
N PRO A 190 -15.83 4.06 22.07
CA PRO A 190 -14.46 3.85 22.56
C PRO A 190 -13.82 2.55 22.08
N GLU A 191 -14.61 1.54 21.72
CA GLU A 191 -14.03 0.29 21.24
C GLU A 191 -13.31 0.49 19.92
N SER A 192 -13.88 1.30 19.02
CA SER A 192 -13.21 1.60 17.76
C SER A 192 -12.12 2.63 17.92
N GLN A 193 -12.29 3.60 18.82
CA GLN A 193 -11.25 4.59 19.03
C GLN A 193 -9.98 3.95 19.58
N ARG A 194 -10.12 2.93 20.43
CA ARG A 194 -8.96 2.20 20.91
C ARG A 194 -8.39 1.28 19.85
N PHE A 195 -9.24 0.76 18.96
CA PHE A 195 -8.76 -0.11 17.90
C PHE A 195 -7.93 0.65 16.88
N ILE A 196 -8.41 1.82 16.45
CA ILE A 196 -7.66 2.63 15.50
C ILE A 196 -6.35 3.12 16.11
N ASP A 197 -6.39 3.48 17.41
CA ASP A 197 -5.17 3.88 18.09
C ASP A 197 -4.16 2.74 18.14
N SER A 198 -4.65 1.51 18.34
CA SER A 198 -3.75 0.35 18.33
C SER A 198 -3.17 0.12 16.94
N VAL A 199 -4.00 0.22 15.90
CA VAL A 199 -3.49 0.08 14.54
C VAL A 199 -2.44 1.15 14.26
N THR A 200 -2.73 2.39 14.64
CA THR A 200 -1.78 3.48 14.41
C THR A 200 -0.48 3.22 15.16
N LEU A 201 -0.58 2.83 16.43
CA LEU A 201 0.62 2.54 17.21
C LEU A 201 1.38 1.36 16.64
N MET A 202 0.69 0.42 15.99
CA MET A 202 1.38 -0.71 15.38
C MET A 202 2.23 -0.26 14.20
N PHE A 203 1.69 0.57 13.32
CA PHE A 203 2.46 1.09 12.19
C PHE A 203 3.61 1.97 12.67
N LYS A 204 3.38 2.74 13.73
CA LYS A 204 4.41 3.64 14.23
C LYS A 204 5.55 2.90 14.90
N THR A 205 5.32 1.67 15.37
CA THR A 205 6.36 0.89 16.05
C THR A 205 7.13 -0.02 15.11
N THR A 206 6.63 -0.26 13.89
CA THR A 206 7.37 -1.08 12.94
C THR A 206 8.52 -0.31 12.30
N SER A 207 8.32 0.97 12.06
CA SER A 207 9.36 1.77 11.39
C SER A 207 10.71 1.56 12.07
N PRO A 208 10.82 1.73 13.40
CA PRO A 208 12.08 1.49 14.09
C PRO A 208 12.66 0.08 13.99
N MET A 209 11.80 -0.94 13.94
CA MET A 209 12.30 -2.34 13.98
C MET A 209 12.42 -2.92 12.58
N LEU A 210 12.40 -2.07 11.55
CA LEU A 210 12.59 -2.55 10.17
C LEU A 210 14.07 -2.87 9.97
N TYR A 211 14.92 -2.23 10.76
CA TYR A 211 16.39 -2.46 10.66
C TYR A 211 16.91 -2.91 11.99
N ILE A 212 16.46 -2.23 13.05
CA ILE A 212 16.88 -2.61 14.42
C ILE A 212 16.22 -3.97 14.73
N PRO A 213 17.01 -5.05 14.89
CA PRO A 213 16.45 -6.36 15.13
C PRO A 213 15.42 -6.29 16.23
N PRO A 214 14.22 -6.86 16.07
CA PRO A 214 13.24 -6.86 17.17
C PRO A 214 13.72 -7.58 18.40
N GLY A 215 14.39 -8.72 18.24
CA GLY A 215 14.90 -9.44 19.38
C GLY A 215 15.86 -8.63 20.23
N LEU A 216 16.55 -7.66 19.61
CA LEU A 216 17.44 -6.79 20.37
C LEU A 216 16.64 -5.82 21.23
N LEU A 217 15.61 -5.20 20.65
CA LEU A 217 14.75 -4.32 21.43
C LEU A 217 13.99 -5.08 22.51
N ARG A 218 13.64 -6.34 22.24
CA ARG A 218 13.03 -7.16 23.29
C ARG A 218 14.01 -7.45 24.41
N ARG A 219 15.27 -7.72 24.07
CA ARG A 219 16.28 -8.05 25.08
C ARG A 219 16.46 -6.90 26.07
N ILE A 220 16.37 -5.66 25.60
CA ILE A 220 16.49 -4.50 26.47
C ILE A 220 15.13 -4.02 26.97
N ASN A 221 14.07 -4.77 26.69
CA ASN A 221 12.71 -4.40 27.14
C ASN A 221 12.37 -2.97 26.72
N SER A 222 12.74 -2.62 25.50
CA SER A 222 12.41 -1.30 24.97
C SER A 222 10.91 -1.13 24.83
N LYS A 223 10.44 0.09 25.09
CA LYS A 223 9.01 0.37 24.94
C LYS A 223 8.56 0.18 23.50
N ILE A 224 9.47 0.34 22.53
CA ILE A 224 9.13 0.11 21.13
C ILE A 224 8.62 -1.32 20.95
N TRP A 225 9.32 -2.28 21.53
CA TRP A 225 8.89 -3.67 21.42
C TRP A 225 7.62 -3.94 22.21
N ARG A 226 7.49 -3.33 23.39
CA ARG A 226 6.31 -3.54 24.22
C ARG A 226 5.07 -2.94 23.57
N ASP A 227 5.17 -1.71 23.07
CA ASP A 227 4.02 -1.09 22.40
C ASP A 227 3.63 -1.87 21.16
N HIS A 228 4.61 -2.43 20.44
CA HIS A 228 4.30 -3.24 19.27
C HIS A 228 3.44 -4.44 19.64
N VAL A 229 3.83 -5.17 20.69
CA VAL A 229 3.06 -6.32 21.13
C VAL A 229 1.68 -5.89 21.61
N GLU A 230 1.63 -4.79 22.37
CA GLU A 230 0.34 -4.30 22.86
C GLU A 230 -0.60 -3.96 21.71
N ALA A 231 -0.07 -3.42 20.62
CA ALA A 231 -0.91 -3.04 19.49
C ALA A 231 -1.43 -4.27 18.76
N TRP A 232 -0.55 -5.21 18.42
CA TRP A 232 -1.00 -6.42 17.75
C TRP A 232 -2.00 -7.20 18.58
N ASP A 233 -1.80 -7.19 19.90
CA ASP A 233 -2.75 -7.90 20.79
C ASP A 233 -4.16 -7.36 20.53
N VAL A 234 -4.35 -6.03 20.59
CA VAL A 234 -5.67 -5.45 20.38
C VAL A 234 -6.21 -5.84 19.01
N ILE A 235 -5.36 -5.84 17.99
CA ILE A 235 -5.80 -6.17 16.64
C ILE A 235 -6.25 -7.62 16.57
N PHE A 236 -5.49 -8.53 17.19
CA PHE A 236 -5.88 -9.94 17.19
C PHE A 236 -7.10 -10.19 18.07
N ASN A 237 -7.25 -9.45 19.16
CA ASN A 237 -8.42 -9.63 20.01
C ASN A 237 -9.69 -9.12 19.33
N HIS A 238 -9.58 -8.04 18.55
CA HIS A 238 -10.73 -7.59 17.76
C HIS A 238 -11.12 -8.62 16.72
N ALA A 239 -10.15 -9.37 16.20
CA ALA A 239 -10.46 -10.44 15.26
C ALA A 239 -11.22 -11.58 15.95
N ASP A 240 -10.77 -11.96 17.15
CA ASP A 240 -11.50 -12.98 17.92
C ASP A 240 -12.90 -12.49 18.26
N LYS A 241 -13.04 -11.23 18.65
CA LYS A 241 -14.37 -10.68 18.92
C LYS A 241 -15.31 -10.93 17.75
N CYS A 242 -14.85 -10.67 16.53
CA CYS A 242 -15.66 -10.93 15.36
C CYS A 242 -15.95 -12.42 15.22
N ILE A 243 -14.89 -13.23 15.11
CA ILE A 243 -15.01 -14.68 14.93
C ILE A 243 -16.04 -15.26 15.89
N GLN A 244 -16.01 -14.81 17.14
CA GLN A 244 -16.97 -15.30 18.13
C GLN A 244 -18.38 -14.91 17.75
N LYS A 245 -18.58 -13.64 17.36
CA LYS A 245 -19.92 -13.19 16.99
C LYS A 245 -20.45 -13.95 15.77
N ILE A 246 -19.57 -14.32 14.84
CA ILE A 246 -20.01 -15.03 13.65
C ILE A 246 -20.48 -16.44 14.01
N TYR A 247 -19.71 -17.15 14.84
CA TYR A 247 -20.14 -18.48 15.28
C TYR A 247 -21.41 -18.40 16.11
N ARG A 248 -21.60 -17.31 16.86
CA ARG A 248 -22.85 -17.14 17.59
C ARG A 248 -24.01 -16.97 16.62
N GLN A 249 -23.81 -16.26 15.51
CA GLN A 249 -24.88 -16.03 14.55
C GLN A 249 -25.19 -17.26 13.71
N PHE A 250 -24.23 -18.20 13.62
CA PHE A 250 -24.53 -19.45 12.89
C PHE A 250 -25.76 -20.10 13.50
N ARG A 251 -25.79 -20.24 14.81
CA ARG A 251 -26.89 -20.86 15.53
C ARG A 251 -28.09 -19.92 15.59
N PRO A 261 -21.67 -10.25 3.93
CA PRO A 261 -21.34 -10.85 5.22
C PRO A 261 -19.88 -10.63 5.61
N GLY A 262 -18.99 -10.54 4.62
CA GLY A 262 -17.59 -10.27 4.89
C GLY A 262 -16.65 -11.39 4.49
N VAL A 263 -15.37 -11.06 4.32
CA VAL A 263 -14.39 -12.07 3.96
C VAL A 263 -14.21 -13.07 5.10
N LEU A 264 -14.18 -12.59 6.34
CA LEU A 264 -13.96 -13.48 7.48
C LEU A 264 -15.10 -14.50 7.60
N ALA A 265 -16.34 -14.05 7.44
CA ALA A 265 -17.48 -14.95 7.60
C ALA A 265 -17.45 -16.07 6.55
N ASN A 266 -17.13 -15.73 5.30
CA ASN A 266 -17.14 -16.73 4.24
C ASN A 266 -16.03 -17.75 4.45
N LEU A 267 -14.86 -17.31 4.92
CA LEU A 267 -13.77 -18.25 5.19
C LEU A 267 -14.12 -19.19 6.33
N LEU A 268 -14.86 -18.71 7.33
CA LEU A 268 -15.28 -19.58 8.42
C LEU A 268 -16.37 -20.55 7.97
N LEU A 269 -17.16 -20.16 6.98
CA LEU A 269 -18.22 -21.05 6.46
C LEU A 269 -17.58 -22.16 5.62
N GLN A 270 -16.81 -21.79 4.60
CA GLN A 270 -16.21 -22.79 3.72
C GLN A 270 -15.31 -23.75 4.48
N GLY A 271 -14.85 -23.37 5.67
CA GLY A 271 -14.04 -24.23 6.51
C GLY A 271 -12.85 -24.84 5.81
N LYS A 272 -12.32 -24.13 4.82
CA LYS A 272 -11.21 -24.66 4.04
C LYS A 272 -9.86 -24.47 4.74
N LEU A 273 -9.70 -23.38 5.51
CA LEU A 273 -8.48 -23.16 6.27
C LEU A 273 -8.75 -23.26 7.77
N PRO A 274 -7.75 -23.62 8.56
CA PRO A 274 -7.93 -23.65 10.02
C PRO A 274 -8.20 -22.25 10.55
N ILE A 275 -8.96 -22.19 11.63
CA ILE A 275 -9.30 -20.89 12.24
C ILE A 275 -8.03 -20.12 12.57
N GLU A 276 -6.99 -20.82 13.01
CA GLU A 276 -5.72 -20.15 13.30
C GLU A 276 -5.16 -19.48 12.06
N ASP A 277 -5.17 -20.20 10.92
CA ASP A 277 -4.67 -19.61 9.68
C ASP A 277 -5.62 -18.55 9.15
N ILE A 278 -6.91 -18.64 9.47
CA ILE A 278 -7.86 -17.61 9.05
C ILE A 278 -7.63 -16.33 9.84
N LYS A 279 -7.47 -16.44 11.16
CA LYS A 279 -7.23 -15.26 11.99
C LYS A 279 -5.93 -14.56 11.60
N ALA A 280 -4.91 -15.34 11.21
CA ALA A 280 -3.63 -14.73 10.85
C ALA A 280 -3.75 -13.92 9.56
N SER A 281 -4.40 -14.49 8.55
CA SER A 281 -4.49 -13.82 7.26
C SER A 281 -5.40 -12.59 7.33
N ILE A 282 -6.57 -12.73 7.96
CA ILE A 282 -7.50 -11.61 8.06
C ILE A 282 -6.84 -10.41 8.69
N THR A 283 -5.92 -10.63 9.63
CA THR A 283 -5.21 -9.51 10.27
C THR A 283 -4.21 -8.89 9.32
N GLU A 284 -3.42 -9.73 8.66
CA GLU A 284 -2.37 -9.22 7.74
C GLU A 284 -3.04 -8.48 6.58
N LEU A 285 -4.19 -8.97 6.13
CA LEU A 285 -4.93 -8.27 5.09
C LEU A 285 -5.25 -6.84 5.52
N MET A 286 -5.68 -6.66 6.76
CA MET A 286 -6.00 -5.33 7.26
C MET A 286 -4.77 -4.44 7.31
N ALA A 287 -3.68 -4.97 7.84
CA ALA A 287 -2.44 -4.17 7.94
C ALA A 287 -1.98 -3.73 6.56
N GLY A 288 -2.16 -4.59 5.56
CA GLY A 288 -1.63 -4.30 4.21
C GLY A 288 -2.39 -3.21 3.47
N GLY A 289 -3.62 -2.90 3.88
CA GLY A 289 -4.39 -1.93 3.08
C GLY A 289 -5.00 -0.82 3.90
N VAL A 290 -4.42 -0.49 5.05
CA VAL A 290 -4.94 0.67 5.83
C VAL A 290 -4.05 1.88 5.56
N ASP A 291 -2.73 1.73 5.61
CA ASP A 291 -1.84 2.91 5.44
C ASP A 291 -1.56 3.09 3.96
N THR A 292 -1.75 2.04 3.16
CA THR A 292 -1.41 2.06 1.73
C THR A 292 -2.45 2.88 1.01
N THR A 293 -3.70 2.46 1.11
CA THR A 293 -4.79 3.17 0.42
C THR A 293 -4.87 4.59 0.90
N SER A 294 -4.68 4.82 2.20
CA SER A 294 -4.86 6.18 2.77
C SER A 294 -3.84 7.17 2.20
N MET A 295 -2.57 6.77 2.12
CA MET A 295 -1.53 7.70 1.65
C MET A 295 -1.70 7.92 0.15
N THR A 296 -2.09 6.88 -0.58
CA THR A 296 -2.26 7.00 -2.04
C THR A 296 -3.40 7.95 -2.29
N LEU A 297 -4.49 7.83 -1.54
CA LEU A 297 -5.64 8.73 -1.71
C LEU A 297 -5.22 10.17 -1.38
N LEU A 298 -4.24 10.33 -0.48
CA LEU A 298 -3.77 11.68 -0.09
C LEU A 298 -2.86 12.23 -1.20
N TRP A 299 -1.84 11.48 -1.60
CA TRP A 299 -1.04 11.99 -2.71
C TRP A 299 -1.90 12.33 -3.91
N THR A 300 -2.95 11.54 -4.18
CA THR A 300 -3.81 11.81 -5.31
C THR A 300 -4.54 13.14 -5.14
N LEU A 301 -5.22 13.32 -4.01
CA LEU A 301 -5.89 14.60 -3.75
C LEU A 301 -4.92 15.76 -3.81
N TYR A 302 -3.66 15.54 -3.44
CA TYR A 302 -2.65 16.60 -3.49
C TYR A 302 -2.34 16.98 -4.94
N GLU A 303 -2.12 15.97 -5.77
CA GLU A 303 -1.73 16.26 -7.17
C GLU A 303 -2.95 16.81 -7.93
N LEU A 304 -4.15 16.39 -7.54
CA LEU A 304 -5.35 16.93 -8.18
C LEU A 304 -5.54 18.40 -7.86
N ALA A 305 -5.03 18.85 -6.71
CA ALA A 305 -5.12 20.27 -6.33
C ALA A 305 -3.99 21.09 -6.94
N ARG A 306 -2.80 20.50 -7.11
CA ARG A 306 -1.73 21.18 -7.84
C ARG A 306 -1.96 21.16 -9.34
N ASN A 307 -2.76 20.21 -9.81
CA ASN A 307 -3.07 20.10 -11.26
C ASN A 307 -4.59 20.17 -11.42
N PRO A 308 -5.23 21.34 -11.20
CA PRO A 308 -6.69 21.41 -11.22
C PRO A 308 -7.31 21.05 -12.56
N HIS A 309 -6.56 21.21 -13.65
CA HIS A 309 -7.06 20.80 -14.95
C HIS A 309 -7.34 19.30 -14.99
N VAL A 310 -6.45 18.50 -14.40
CA VAL A 310 -6.70 17.07 -14.33
C VAL A 310 -7.95 16.77 -13.51
N GLN A 311 -8.15 17.53 -12.44
CA GLN A 311 -9.31 17.31 -11.57
C GLN A 311 -10.62 17.58 -12.30
N GLU A 312 -10.64 18.61 -13.16
CA GLU A 312 -11.83 18.87 -13.95
C GLU A 312 -12.02 17.80 -15.03
N GLU A 313 -10.93 17.37 -15.66
CA GLU A 313 -11.03 16.32 -16.66
C GLU A 313 -11.62 15.05 -16.07
N LEU A 314 -11.17 14.67 -14.86
CA LEU A 314 -11.75 13.53 -14.17
C LEU A 314 -13.21 13.79 -13.83
N ARG A 315 -13.49 14.90 -13.14
CA ARG A 315 -14.85 15.22 -12.76
C ARG A 315 -15.80 15.14 -13.94
N ALA A 316 -15.37 15.63 -15.11
CA ALA A 316 -16.21 15.55 -16.29
C ALA A 316 -16.52 14.10 -16.66
N GLU A 317 -15.52 13.22 -16.58
CA GLU A 317 -15.74 11.83 -16.95
C GLU A 317 -16.63 11.11 -15.94
N ILE A 318 -16.48 11.42 -14.66
CA ILE A 318 -17.25 10.72 -13.64
C ILE A 318 -18.70 11.15 -13.69
N LEU A 319 -18.97 12.44 -13.94
CA LEU A 319 -20.34 12.90 -14.07
C LEU A 319 -21.02 12.27 -15.28
N ALA A 320 -20.29 12.14 -16.40
CA ALA A 320 -20.84 11.47 -17.56
C ALA A 320 -21.13 10.00 -17.27
N ALA A 321 -20.19 9.32 -16.60
CA ALA A 321 -20.40 7.91 -16.28
C ALA A 321 -21.57 7.72 -15.32
N ARG A 322 -21.85 8.71 -14.46
CA ARG A 322 -22.95 8.59 -13.51
C ARG A 322 -24.28 8.46 -14.25
N GLN A 323 -24.43 9.18 -15.37
CA GLN A 323 -25.70 9.19 -16.07
C GLN A 323 -25.83 8.03 -17.04
N GLN A 324 -24.74 7.68 -17.74
CA GLN A 324 -24.77 6.56 -18.66
C GLN A 324 -24.93 5.22 -17.94
N ALA A 325 -24.64 5.17 -16.64
CA ALA A 325 -24.74 3.93 -15.88
C ALA A 325 -26.12 3.70 -15.28
N GLN A 326 -26.91 4.76 -15.08
CA GLN A 326 -28.27 4.64 -14.55
C GLN A 326 -28.25 4.02 -13.14
N GLY A 327 -27.35 4.51 -12.31
CA GLY A 327 -27.22 4.09 -10.93
C GLY A 327 -26.29 2.92 -10.69
N ASP A 328 -26.28 1.95 -11.61
CA ASP A 328 -25.42 0.77 -11.48
C ASP A 328 -23.97 1.18 -11.23
N LEU A 329 -23.48 0.94 -10.02
CA LEU A 329 -22.09 1.25 -9.72
C LEU A 329 -21.14 0.36 -10.53
N SER A 330 -21.48 -0.92 -10.70
CA SER A 330 -20.66 -1.81 -11.50
C SER A 330 -20.40 -1.21 -12.88
N LYS A 331 -21.47 -0.77 -13.56
CA LYS A 331 -21.31 -0.17 -14.87
C LYS A 331 -20.51 1.14 -14.78
N MET A 332 -20.77 1.93 -13.75
CA MET A 332 -20.03 3.19 -13.59
C MET A 332 -18.56 2.94 -13.31
N LEU A 333 -18.24 1.88 -12.57
CA LEU A 333 -16.85 1.56 -12.28
C LEU A 333 -16.10 1.08 -13.51
N LYS A 334 -16.81 0.52 -14.50
CA LYS A 334 -16.18 0.13 -15.76
C LYS A 334 -16.08 1.28 -16.74
N SER A 335 -16.70 2.43 -16.45
CA SER A 335 -16.76 3.55 -17.38
C SER A 335 -15.93 4.73 -16.90
N VAL A 336 -14.87 4.48 -16.14
CA VAL A 336 -14.02 5.55 -15.62
C VAL A 336 -12.57 5.27 -15.98
N PRO A 337 -12.24 5.12 -17.27
CA PRO A 337 -10.85 4.79 -17.62
C PRO A 337 -9.84 5.80 -17.13
N LEU A 338 -10.16 7.09 -17.21
CA LEU A 338 -9.22 8.11 -16.76
C LEU A 338 -9.01 8.05 -15.25
N LEU A 339 -10.01 7.59 -14.51
CA LEU A 339 -9.87 7.48 -13.06
C LEU A 339 -8.88 6.38 -12.69
N LYS A 340 -9.00 5.22 -13.33
CA LYS A 340 -8.02 4.16 -13.09
C LYS A 340 -6.63 4.58 -13.55
N ALA A 341 -6.55 5.44 -14.57
CA ALA A 341 -5.25 5.94 -15.02
C ALA A 341 -4.66 6.91 -14.02
N ALA A 342 -5.51 7.72 -13.38
CA ALA A 342 -5.02 8.62 -12.34
C ALA A 342 -4.43 7.86 -11.16
N ILE A 343 -4.99 6.68 -10.86
CA ILE A 343 -4.46 5.87 -9.77
C ILE A 343 -3.07 5.36 -10.12
N LYS A 344 -2.89 4.89 -11.36
CA LYS A 344 -1.55 4.48 -11.80
C LYS A 344 -0.57 5.64 -11.75
N GLU A 345 -1.04 6.84 -12.13
CA GLU A 345 -0.16 8.00 -12.15
C GLU A 345 0.30 8.37 -10.74
N THR A 346 -0.60 8.29 -9.76
CA THR A 346 -0.21 8.57 -8.38
C THR A 346 0.80 7.54 -7.88
N LEU A 347 0.55 6.25 -8.14
CA LEU A 347 1.47 5.20 -7.73
C LEU A 347 2.79 5.23 -8.50
N ARG A 348 2.89 6.05 -9.55
CA ARG A 348 4.16 6.18 -10.26
C ARG A 348 5.07 7.19 -9.57
N LEU A 349 4.52 8.34 -9.18
CA LEU A 349 5.31 9.35 -8.50
C LEU A 349 5.48 9.03 -7.01
N TYR A 350 4.52 8.34 -6.41
CA TYR A 350 4.52 8.06 -4.98
C TYR A 350 4.17 6.59 -4.77
N PRO A 351 5.11 5.67 -5.07
CA PRO A 351 4.84 4.26 -4.85
C PRO A 351 4.78 3.93 -3.36
N VAL A 352 3.82 3.09 -2.99
CA VAL A 352 3.66 2.70 -1.59
C VAL A 352 4.89 1.93 -1.11
N ALA A 353 5.55 1.22 -2.02
CA ALA A 353 6.79 0.50 -1.72
C ALA A 353 7.83 0.95 -2.74
N VAL A 354 8.95 1.50 -2.25
CA VAL A 354 9.99 2.02 -3.12
C VAL A 354 10.62 0.93 -3.98
N SER A 355 10.37 -0.34 -3.67
CA SER A 355 10.96 -1.42 -4.44
C SER A 355 10.20 -2.71 -4.17
N LEU A 356 10.12 -3.53 -5.21
CA LEU A 356 9.66 -4.90 -5.08
C LEU A 356 10.87 -5.81 -4.91
N GLN A 357 10.75 -6.80 -4.03
CA GLN A 357 11.84 -7.71 -3.73
C GLN A 357 11.47 -9.13 -4.13
N ARG A 358 12.41 -9.82 -4.77
CA ARG A 358 12.27 -11.22 -5.13
C ARG A 358 13.61 -11.91 -4.95
N TYR A 359 13.61 -13.00 -4.17
CA TYR A 359 14.80 -13.83 -4.02
C TYR A 359 14.91 -14.75 -5.22
N ILE A 360 15.91 -14.47 -6.05
CA ILE A 360 16.07 -15.27 -7.31
C ILE A 360 16.28 -16.74 -6.96
N THR A 361 15.60 -17.63 -7.68
CA THR A 361 15.71 -19.06 -7.48
C THR A 361 16.47 -19.75 -8.60
N GLU A 362 16.84 -19.03 -9.65
CA GLU A 362 17.60 -19.58 -10.76
C GLU A 362 18.59 -18.52 -11.25
N ASP A 363 19.77 -18.98 -11.64
CA ASP A 363 20.79 -18.04 -12.17
C ASP A 363 20.20 -17.33 -13.38
N ILE A 364 20.22 -16.00 -13.38
CA ILE A 364 19.73 -15.18 -14.47
C ILE A 364 20.84 -14.23 -14.90
N VAL A 365 20.56 -13.44 -15.94
CA VAL A 365 21.48 -12.43 -16.44
C VAL A 365 20.69 -11.15 -16.70
N LEU A 366 21.11 -10.06 -16.07
CA LEU A 366 20.47 -8.76 -16.21
C LEU A 366 21.51 -7.75 -16.67
N GLN A 367 21.27 -7.10 -17.80
CA GLN A 367 22.22 -6.13 -18.35
C GLN A 367 23.58 -6.77 -18.57
N ASN A 368 23.58 -8.02 -19.02
CA ASN A 368 24.80 -8.81 -19.19
C ASN A 368 25.60 -8.84 -17.89
N TYR A 369 25.05 -9.60 -16.94
CA TYR A 369 25.66 -9.79 -15.63
C TYR A 369 25.07 -11.05 -15.03
N HIS A 370 25.92 -12.03 -14.68
CA HIS A 370 25.43 -13.26 -14.08
C HIS A 370 24.95 -12.98 -12.66
N ILE A 371 23.68 -13.29 -12.40
CA ILE A 371 23.12 -13.12 -11.06
C ILE A 371 22.92 -14.51 -10.45
N PRO A 372 23.79 -14.93 -9.54
CA PRO A 372 23.65 -16.29 -8.98
C PRO A 372 22.31 -16.48 -8.29
N ALA A 373 21.85 -17.73 -8.27
CA ALA A 373 20.59 -18.05 -7.62
C ALA A 373 20.65 -17.63 -6.15
N GLY A 374 19.47 -17.36 -5.57
CA GLY A 374 19.41 -16.96 -4.15
C GLY A 374 19.60 -15.47 -3.97
N THR A 375 20.14 -14.78 -4.97
CA THR A 375 20.43 -13.36 -4.81
C THR A 375 19.13 -12.58 -4.71
N LEU A 376 19.09 -11.63 -3.77
CA LEU A 376 17.95 -10.74 -3.62
C LEU A 376 18.05 -9.65 -4.69
N VAL A 377 17.09 -9.63 -5.61
CA VAL A 377 17.00 -8.61 -6.65
C VAL A 377 15.78 -7.75 -6.36
N GLN A 378 16.00 -6.43 -6.39
CA GLN A 378 14.93 -5.46 -6.09
C GLN A 378 14.63 -4.62 -7.33
N VAL A 379 13.37 -4.22 -7.48
CA VAL A 379 12.92 -3.41 -8.61
C VAL A 379 12.59 -2.03 -8.05
N GLY A 380 13.43 -1.04 -8.35
CA GLY A 380 13.22 0.30 -7.86
C GLY A 380 12.02 0.98 -8.47
N LEU A 381 10.89 0.96 -7.77
CA LEU A 381 9.68 1.57 -8.28
C LEU A 381 9.76 3.09 -8.25
N TYR A 382 10.30 3.65 -7.16
CA TYR A 382 10.41 5.10 -7.05
C TYR A 382 11.36 5.67 -8.09
N ALA A 383 12.44 4.94 -8.40
CA ALA A 383 13.40 5.42 -9.38
C ALA A 383 12.87 5.27 -10.81
N MET A 384 12.11 4.20 -11.07
CA MET A 384 11.52 4.02 -12.39
C MET A 384 10.50 5.11 -12.70
N GLY A 385 9.59 5.38 -11.76
CA GLY A 385 8.54 6.34 -11.96
C GLY A 385 9.00 7.78 -12.14
N ARG A 386 10.27 8.07 -11.87
CA ARG A 386 10.81 9.42 -12.02
C ARG A 386 11.98 9.47 -13.00
N ASN A 387 12.16 8.43 -13.80
CA ASN A 387 13.22 8.43 -14.80
C ASN A 387 12.69 9.03 -16.10
N PRO A 388 13.31 10.11 -16.60
CA PRO A 388 12.81 10.71 -17.85
C PRO A 388 12.81 9.74 -19.02
N GLU A 389 13.66 8.72 -18.99
CA GLU A 389 13.70 7.75 -20.08
C GLU A 389 12.45 6.88 -20.08
N ILE A 390 12.19 6.18 -18.99
CA ILE A 390 11.05 5.26 -18.94
C ILE A 390 9.73 6.03 -19.05
N PHE A 391 9.64 7.18 -18.40
CA PHE A 391 8.42 7.99 -18.42
C PHE A 391 8.75 9.41 -18.86
N PRO A 392 8.27 9.84 -20.04
CA PRO A 392 8.47 11.24 -20.44
C PRO A 392 7.73 12.19 -19.53
N ASN A 393 8.31 13.37 -19.33
CA ASN A 393 7.77 14.38 -18.43
C ASN A 393 7.42 13.76 -17.08
N PRO A 394 8.40 13.17 -16.39
CA PRO A 394 8.07 12.41 -15.17
C PRO A 394 7.44 13.25 -14.07
N GLU A 395 7.94 14.46 -13.85
CA GLU A 395 7.50 15.28 -12.73
C GLU A 395 6.13 15.92 -12.94
N GLN A 396 5.47 15.69 -14.07
CA GLN A 396 4.15 16.23 -14.32
C GLN A 396 3.10 15.15 -14.13
N TYR A 397 2.02 15.49 -13.44
CA TYR A 397 0.94 14.57 -13.14
C TYR A 397 -0.04 14.58 -14.32
N ASN A 398 0.12 13.60 -15.22
CA ASN A 398 -0.72 13.49 -16.41
C ASN A 398 -1.23 12.06 -16.52
N PRO A 399 -2.43 11.78 -16.01
CA PRO A 399 -2.99 10.43 -16.13
C PRO A 399 -3.23 9.99 -17.56
N GLU A 400 -3.12 10.90 -18.53
CA GLU A 400 -3.33 10.53 -19.93
C GLU A 400 -2.28 9.52 -20.40
N ARG A 401 -1.06 9.59 -19.86
CA ARG A 401 0.02 8.72 -20.30
C ARG A 401 -0.32 7.24 -20.18
N TRP A 402 -1.35 6.88 -19.41
CA TRP A 402 -1.72 5.48 -19.24
C TRP A 402 -2.88 5.04 -20.13
N LEU A 403 -3.68 5.98 -20.64
CA LEU A 403 -4.81 5.63 -21.46
C LEU A 403 -4.38 5.41 -22.91
N LYS A 404 -5.09 4.49 -23.58
CA LYS A 404 -4.90 4.20 -25.00
C LYS A 404 -3.42 4.04 -25.35
N ARG A 405 -2.62 3.60 -24.37
CA ARG A 405 -1.18 3.47 -24.56
C ARG A 405 -0.85 2.05 -25.00
N GLU A 406 -1.08 1.07 -24.13
CA GLU A 406 -0.86 -0.33 -24.45
C GLU A 406 -2.09 -1.16 -24.12
N ASN A 408 2.71 -2.42 -21.19
CA ASN A 408 2.96 -1.40 -20.18
C ASN A 408 2.83 -1.97 -18.77
N HIS A 409 2.57 -3.28 -18.68
CA HIS A 409 2.35 -3.90 -17.37
C HIS A 409 3.56 -3.70 -16.45
N PHE A 410 4.77 -3.77 -16.99
CA PHE A 410 5.97 -3.61 -16.19
C PHE A 410 6.35 -2.15 -15.98
N LYS A 411 5.47 -1.22 -16.35
CA LYS A 411 5.60 0.17 -15.96
C LYS A 411 4.65 0.55 -14.84
N SER A 412 3.56 -0.19 -14.67
CA SER A 412 2.62 0.03 -13.58
C SER A 412 2.70 -1.14 -12.61
N LEU A 413 3.79 -1.18 -11.85
CA LEU A 413 4.04 -2.21 -10.85
C LEU A 413 3.64 -1.77 -9.45
N GLY A 414 2.71 -0.81 -9.34
CA GLY A 414 2.35 -0.30 -8.02
C GLY A 414 1.85 -1.38 -7.08
N PHE A 415 1.01 -2.29 -7.60
CA PHE A 415 0.52 -3.42 -6.82
C PHE A 415 1.37 -4.67 -7.01
N GLY A 416 2.59 -4.52 -7.51
CA GLY A 416 3.43 -5.66 -7.78
C GLY A 416 3.03 -6.36 -9.07
N PHE A 417 3.44 -7.64 -9.15
CA PHE A 417 3.15 -8.46 -10.36
C PHE A 417 3.39 -9.92 -10.04
N GLY A 418 2.63 -10.80 -10.68
CA GLY A 418 2.83 -12.21 -10.56
C GLY A 418 1.80 -12.87 -9.67
N PRO A 419 2.01 -14.15 -9.34
CA PRO A 419 1.08 -14.82 -8.42
C PRO A 419 1.04 -14.21 -7.04
N ARG A 420 2.16 -13.68 -6.54
CA ARG A 420 2.21 -13.05 -5.23
C ARG A 420 2.15 -11.53 -5.33
N GLN A 421 1.27 -11.05 -6.19
CA GLN A 421 1.08 -9.58 -6.26
C GLN A 421 0.19 -9.18 -5.10
N CYS A 422 -0.17 -7.90 -5.05
CA CYS A 422 -1.06 -7.44 -4.00
C CYS A 422 -2.41 -8.14 -4.11
N ILE A 423 -2.73 -8.99 -3.13
CA ILE A 423 -3.98 -9.75 -3.19
C ILE A 423 -5.19 -8.86 -3.00
N GLY A 424 -5.01 -7.64 -2.47
CA GLY A 424 -6.12 -6.73 -2.28
C GLY A 424 -6.12 -5.58 -3.26
N ARG A 425 -5.50 -5.77 -4.43
CA ARG A 425 -5.41 -4.69 -5.41
C ARG A 425 -6.79 -4.32 -5.94
N ARG A 426 -7.67 -5.29 -6.07
CA ARG A 426 -9.03 -5.02 -6.59
C ARG A 426 -9.81 -4.28 -5.50
N ILE A 427 -9.67 -4.72 -4.24
CA ILE A 427 -10.34 -4.03 -3.13
C ILE A 427 -9.82 -2.60 -3.02
N ALA A 428 -8.51 -2.42 -3.17
CA ALA A 428 -7.94 -1.08 -3.12
C ALA A 428 -8.43 -0.21 -4.27
N GLU A 429 -8.29 -0.73 -5.48
CA GLU A 429 -8.72 0.05 -6.67
C GLU A 429 -10.19 0.45 -6.45
N THR A 430 -11.06 -0.53 -6.27
CA THR A 430 -12.49 -0.23 -6.12
C THR A 430 -12.70 0.84 -5.05
N GLU A 431 -12.08 0.68 -3.89
CA GLU A 431 -12.25 1.64 -2.80
C GLU A 431 -11.76 3.03 -3.21
N MET A 432 -10.56 3.11 -3.81
CA MET A 432 -10.01 4.40 -4.19
C MET A 432 -10.83 5.05 -5.31
N GLN A 433 -11.38 4.25 -6.22
CA GLN A 433 -12.25 4.82 -7.26
C GLN A 433 -13.53 5.38 -6.65
N LEU A 434 -14.25 4.55 -5.89
CA LEU A 434 -15.50 4.99 -5.27
C LEU A 434 -15.28 6.24 -4.43
N PHE A 435 -14.14 6.32 -3.74
CA PHE A 435 -13.83 7.52 -2.97
C PHE A 435 -13.73 8.74 -3.88
N LEU A 436 -12.89 8.65 -4.92
CA LEU A 436 -12.71 9.79 -5.82
C LEU A 436 -14.01 10.15 -6.54
N ILE A 437 -14.82 9.15 -6.87
CA ILE A 437 -16.07 9.41 -7.58
C ILE A 437 -17.00 10.24 -6.71
N HIS A 438 -17.09 9.90 -5.44
CA HIS A 438 -18.01 10.63 -4.53
C HIS A 438 -17.40 11.98 -4.17
N MET A 439 -16.08 12.03 -3.99
CA MET A 439 -15.45 13.27 -3.57
C MET A 439 -15.49 14.32 -4.68
N LEU A 440 -15.16 13.93 -5.91
CA LEU A 440 -15.16 14.89 -7.00
C LEU A 440 -16.56 15.32 -7.40
N GLN A 441 -17.58 14.51 -7.10
CA GLN A 441 -18.95 14.90 -7.42
C GLN A 441 -19.46 16.02 -6.51
N ASN A 442 -18.93 16.10 -5.29
CA ASN A 442 -19.43 17.05 -4.31
C ASN A 442 -18.52 18.23 -4.04
N PHE A 443 -17.20 18.05 -4.17
CA PHE A 443 -16.25 19.08 -3.76
C PHE A 443 -15.20 19.30 -4.83
N LYS A 444 -14.63 20.51 -4.82
CA LYS A 444 -13.44 20.84 -5.58
C LYS A 444 -12.28 20.98 -4.60
N ILE A 445 -11.22 20.21 -4.83
CA ILE A 445 -10.05 20.21 -3.96
C ILE A 445 -9.09 21.28 -4.45
N GLU A 446 -8.84 22.28 -3.60
CA GLU A 446 -7.97 23.40 -3.93
C GLU A 446 -6.76 23.38 -3.01
N THR A 447 -5.60 23.70 -3.57
CA THR A 447 -4.37 23.73 -2.80
C THR A 447 -4.26 25.04 -2.03
N ASN A 448 -4.04 24.94 -0.72
CA ASN A 448 -3.93 26.15 0.09
C ASN A 448 -2.75 27.01 -0.33
N SER A 449 -1.71 26.39 -0.89
CA SER A 449 -0.55 27.13 -1.36
C SER A 449 0.22 26.26 -2.34
N MET A 450 0.68 26.88 -3.44
CA MET A 450 1.44 26.16 -4.45
C MET A 450 2.84 25.79 -3.99
N ALA A 451 3.19 26.06 -2.74
CA ALA A 451 4.51 25.70 -2.22
C ALA A 451 4.77 24.21 -2.42
N GLU A 452 6.05 23.87 -2.61
CA GLU A 452 6.42 22.49 -2.86
C GLU A 452 6.34 21.66 -1.59
N VAL A 453 6.00 20.39 -1.76
CA VAL A 453 5.96 19.43 -0.67
C VAL A 453 6.97 18.33 -0.97
N LYS A 454 7.74 17.95 0.05
CA LYS A 454 8.81 16.97 -0.10
C LYS A 454 8.38 15.60 0.39
N THR A 455 8.99 14.57 -0.17
CA THR A 455 8.70 13.19 0.19
C THR A 455 9.78 12.63 1.10
N THR A 456 9.38 11.80 2.06
CA THR A 456 10.29 11.09 2.94
C THR A 456 9.88 9.63 2.99
N PHE A 457 10.73 8.81 3.59
CA PHE A 457 10.48 7.38 3.71
C PHE A 457 10.28 7.00 5.16
N ASP A 458 9.20 6.28 5.45
CA ASP A 458 8.92 5.72 6.76
C ASP A 458 7.83 4.69 6.60
N LEU A 459 8.23 3.45 6.33
CA LEU A 459 7.33 2.39 5.90
C LEU A 459 6.90 2.62 4.45
N ILE A 460 6.33 3.78 4.16
CA ILE A 460 5.89 4.13 2.82
C ILE A 460 6.37 5.53 2.48
N LEU A 461 5.90 6.08 1.36
CA LEU A 461 6.25 7.43 0.93
C LEU A 461 5.24 8.39 1.53
N VAL A 462 5.69 9.26 2.43
CA VAL A 462 4.83 10.23 3.11
C VAL A 462 5.40 11.63 2.92
N PRO A 463 4.57 12.66 2.92
CA PRO A 463 5.09 14.03 2.77
C PRO A 463 5.84 14.47 4.02
N GLU A 464 6.86 15.29 3.81
CA GLU A 464 7.64 15.80 4.93
C GLU A 464 6.77 16.58 5.91
N LYS A 465 5.97 17.51 5.39
CA LYS A 465 5.10 18.35 6.20
C LYS A 465 3.64 18.11 5.80
N PRO A 466 2.70 18.40 6.71
CA PRO A 466 1.30 18.15 6.40
C PRO A 466 0.86 18.85 5.13
N ILE A 467 -0.08 18.23 4.42
CA ILE A 467 -0.67 18.77 3.20
C ILE A 467 -2.01 19.38 3.55
N LEU A 468 -2.11 20.69 3.37
CA LEU A 468 -3.33 21.44 3.70
C LEU A 468 -4.13 21.66 2.42
N LEU A 469 -5.34 21.10 2.37
CA LEU A 469 -6.21 21.19 1.20
C LEU A 469 -7.53 21.82 1.59
N THR A 470 -8.06 22.65 0.70
CA THR A 470 -9.34 23.31 0.90
C THR A 470 -10.40 22.62 0.07
N LEU A 471 -11.54 22.34 0.69
CA LEU A 471 -12.64 21.64 0.03
C LEU A 471 -13.84 22.57 -0.06
N ARG A 472 -14.23 22.94 -1.28
CA ARG A 472 -15.39 23.76 -1.53
C ARG A 472 -16.52 22.91 -2.14
N PRO A 473 -17.76 23.12 -1.73
CA PRO A 473 -18.87 22.41 -2.36
C PRO A 473 -19.07 22.84 -3.79
N ILE A 474 -19.51 21.89 -4.62
CA ILE A 474 -19.72 22.15 -6.04
C ILE A 474 -21.00 21.49 -6.53
CHA HEM B . 1.13 -6.96 -1.13
CHB HEM B . 0.71 -2.40 -2.76
CHC HEM B . -3.66 -2.10 -0.67
CHD HEM B . -3.14 -6.57 1.16
C1A HEM B . 1.39 -5.77 -1.77
C2A HEM B . 2.55 -5.47 -2.60
C3A HEM B . 2.44 -4.21 -3.05
C4A HEM B . 1.20 -3.67 -2.53
CMA HEM B . 3.44 -3.48 -3.95
CAA HEM B . 3.71 -6.44 -2.90
CBA HEM B . 3.55 -6.95 -4.32
CGA HEM B . 4.68 -7.88 -4.68
O1A HEM B . 5.53 -8.17 -3.80
O2A HEM B . 4.71 -8.35 -5.84
C1B HEM B . -0.52 -1.92 -2.35
C2B HEM B . -1.08 -0.61 -2.66
C3B HEM B . -2.29 -0.54 -2.09
C4B HEM B . -2.53 -1.79 -1.39
CMB HEM B . -0.38 0.47 -3.51
CAB HEM B . -3.28 0.65 -2.11
CBB HEM B . -2.99 1.80 -2.73
C1C HEM B . -3.95 -3.31 -0.08
C2C HEM B . -5.24 -3.74 0.42
C3C HEM B . -5.10 -4.97 0.93
C4C HEM B . -3.72 -5.38 0.77
CMC HEM B . -6.53 -2.91 0.37
CAC HEM B . -6.26 -5.78 1.56
CBC HEM B . -6.07 -7.02 2.03
C1D HEM B . -1.92 -7.06 0.74
C2D HEM B . -1.32 -8.33 1.10
C3D HEM B . -0.15 -8.43 0.47
C4D HEM B . 0.04 -7.23 -0.33
CMD HEM B . -1.92 -9.37 2.06
CAD HEM B . 0.85 -9.61 0.56
CBD HEM B . 0.26 -10.81 -0.17
CGD HEM B . 1.33 -11.84 -0.41
O1D HEM B . 0.99 -12.96 -0.85
O2D HEM B . 2.53 -11.55 -0.14
NA HEM B . 0.59 -4.64 -1.76
NB HEM B . -1.43 -2.60 -1.58
NC HEM B . -3.05 -4.35 0.14
ND HEM B . -1.07 -6.42 -0.14
FE HEM B . -1.25 -4.51 -0.83
C18 MHQ C . 14.76 -0.59 0.59
C17 MHQ C . 13.77 0.33 1.36
C16 MHQ C . 12.60 -0.52 1.79
C15 MHQ C . 11.35 -0.20 1.29
C14 MHQ C . 10.16 -0.99 1.68
C1 MHQ C . 2.58 -4.22 2.20
C2 MHQ C . 3.64 -3.99 1.17
C3 MHQ C . 4.08 -2.48 1.09
C4 MHQ C . 4.16 -5.14 0.62
C13 MHQ C . 10.39 -1.99 2.84
C5 MHQ C . 5.29 -6.13 1.03
C6 MHQ C . 5.79 -6.41 2.51
C12 MHQ C . 9.30 -3.05 2.67
C11 MHQ C . 7.84 -2.48 2.48
C7 MHQ C . 7.33 -6.31 2.88
C8 MHQ C . 8.17 -7.25 2.05
C9 MHQ C . 8.06 -4.92 2.63
C10 MHQ C . 7.01 -3.77 2.33
C19 MHQ C . 15.35 -1.50 1.72
C20 MHQ C . 14.22 -2.43 2.27
C21 MHQ C . 12.89 -1.70 2.77
C22 MHQ C . 12.98 -1.15 4.21
C23 MHQ C . 11.74 -2.76 2.86
C24 MHQ C . 11.64 -3.80 4.17
C25 MHQ C . 10.37 -4.81 4.21
C26 MHQ C . 9.04 -4.18 3.69
C27 MHQ C . 8.30 -3.70 4.97
O1 MHQ C . 15.72 0.18 -0.11
H1 MHQ C . 14.25 -1.16 -0.22
H2 MHQ C . 13.42 1.15 0.68
H3 MHQ C . 14.28 0.77 2.25
H4 MHQ C . 11.13 0.65 0.60
H5 MHQ C . 9.33 -0.29 1.94
H6 MHQ C . 9.79 -1.54 0.77
H7 MHQ C . 3.08 -4.39 3.17
H8 MHQ C . 2.00 -5.12 1.90
H9 MHQ C . 1.95 -3.32 2.24
H10 MHQ C . 3.42 -1.69 0.68
H11 MHQ C . 4.96 -2.13 0.52
H12 MHQ C . 4.35 -1.89 1.98
H13 MHQ C . 3.43 -5.69 -0.01
H14 MHQ C . 10.42 -1.40 3.80
H15 MHQ C . 5.02 -7.09 0.57
H16 MHQ C . 6.17 -5.84 0.43
H17 MHQ C . 5.44 -7.45 2.79
H18 MHQ C . 5.23 -5.74 3.20
H19 MHQ C . 9.85 -3.65 1.87
H20 MHQ C . 7.77 -1.77 1.61
H21 MHQ C . 7.53 -1.82 3.34
H22 MHQ C . 7.29 -6.52 3.98
H23 MHQ C . 8.11 -7.02 0.96
H24 MHQ C . 9.25 -7.20 2.33
H25 MHQ C . 7.85 -8.31 2.17
H26 MHQ C . 8.75 -5.25 1.81
H27 MHQ C . 6.09 -3.85 2.99
H28 MHQ C . 6.51 -3.92 1.31
H29 MHQ C . 16.22 -2.09 1.33
H30 MHQ C . 15.80 -0.87 2.53
H31 MHQ C . 14.62 -3.06 3.14
H32 MHQ C . 13.91 -3.20 1.49
H33 MHQ C . 13.77 -1.63 4.81
H34 MHQ C . 13.18 -0.07 4.24
H35 MHQ C . 12.04 -1.30 4.77
H36 MHQ C . 11.96 -3.26 1.88
H37 MHQ C . 11.69 -3.23 5.13
H38 MHQ C . 12.59 -4.41 4.25
H39 MHQ C . 10.52 -5.75 3.59
H40 MHQ C . 10.14 -5.21 5.24
H41 MHQ C . 8.29 -4.48 5.76
H42 MHQ C . 7.24 -3.44 4.76
H43 MHQ C . 8.78 -2.81 5.40
H44 MHQ C . 15.62 1.12 0.08
#